data_1QLM
#
_entry.id   1QLM
#
_cell.length_a   125.900
_cell.length_b   125.900
_cell.length_c   172.400
_cell.angle_alpha   90.00
_cell.angle_beta   90.00
_cell.angle_gamma   120.00
#
_symmetry.space_group_name_H-M   'P 63 2 2'
#
loop_
_entity.id
_entity.type
_entity.pdbx_description
1 polymer 'METHENYLTETRAHYDROMETHANOPTERIN CYCLOHYDROLASE'
2 non-polymer 'PHOSPHATE ION'
3 water water
#
_entity_poly.entity_id   1
_entity_poly.type   'polypeptide(L)'
_entity_poly.pdbx_seq_one_letter_code
;MVSVNENALPLVERMIERAELLNVEVQELENGTTVIDCGVEAAGGFEAGLLFSEVCMGGLATVELTEFEHDGLCLPAVQV
TTDHPAVSTLAAQKAGWQVQVGDYFAMGSGPARALALKPKETYEEIDYEDDADVAILCLESSELPDEDVAEHVADECGVD
PENLYLLVAPTASIVGSVQVSARVVETGLYKLLEVLEYDVTRVKYATGTAPIAPVADDDGEAMGRTNDCILYGGTVYLYV
EGDDELPEVVEELPSEASEDYGKPFMKIFEEADYDFYKIDPGVFAPARVVVNDLSTGKTYTAGEINVDVLKESFSL
;
_entity_poly.pdbx_strand_id   A
#
# COMPACT_ATOMS: atom_id res chain seq x y z
N MET A 1 -6.15 -15.22 15.85
CA MET A 1 -6.82 -14.93 14.54
C MET A 1 -7.42 -13.54 14.55
N VAL A 2 -7.06 -12.73 13.55
CA VAL A 2 -7.71 -11.46 13.33
C VAL A 2 -8.28 -11.38 11.92
N SER A 3 -9.46 -10.78 11.81
CA SER A 3 -10.14 -10.59 10.53
C SER A 3 -9.84 -9.21 9.98
N VAL A 4 -9.27 -9.16 8.78
CA VAL A 4 -8.91 -7.87 8.17
C VAL A 4 -10.14 -7.11 7.69
N ASN A 5 -11.20 -7.83 7.33
CA ASN A 5 -12.44 -7.19 6.89
C ASN A 5 -13.26 -6.67 8.06
N GLU A 6 -13.37 -7.48 9.12
CA GLU A 6 -14.14 -7.09 10.30
C GLU A 6 -13.47 -5.91 11.03
N ASN A 7 -12.14 -5.91 11.07
CA ASN A 7 -11.40 -4.86 11.73
C ASN A 7 -11.31 -3.56 10.93
N ALA A 8 -11.53 -3.65 9.62
CA ALA A 8 -11.57 -2.47 8.76
C ALA A 8 -12.95 -1.81 8.73
N LEU A 9 -14.00 -2.59 9.02
CA LEU A 9 -15.38 -2.11 8.92
C LEU A 9 -15.67 -0.84 9.73
N PRO A 10 -15.25 -0.79 11.02
CA PRO A 10 -15.52 0.40 11.85
C PRO A 10 -14.95 1.68 11.25
N LEU A 11 -13.81 1.56 10.57
CA LEU A 11 -13.17 2.70 9.91
C LEU A 11 -13.96 3.15 8.68
N VAL A 12 -14.50 2.17 7.95
CA VAL A 12 -15.38 2.45 6.82
C VAL A 12 -16.66 3.15 7.28
N GLU A 13 -17.24 2.66 8.38
CA GLU A 13 -18.44 3.26 8.94
C GLU A 13 -18.20 4.69 9.41
N ARG A 14 -17.00 4.94 9.94
CA ARG A 14 -16.59 6.27 10.35
C ARG A 14 -16.47 7.22 9.15
N MET A 15 -15.92 6.71 8.06
CA MET A 15 -15.76 7.48 6.83
C MET A 15 -17.11 7.87 6.25
N ILE A 16 -18.08 6.97 6.33
CA ILE A 16 -19.43 7.23 5.83
C ILE A 16 -20.15 8.26 6.71
N GLU A 17 -20.05 8.09 8.03
CA GLU A 17 -20.68 9.02 8.96
C GLU A 17 -20.10 10.43 8.86
N ARG A 18 -18.80 10.52 8.58
CA ARG A 18 -18.10 11.79 8.57
C ARG A 18 -17.71 12.20 7.15
N ALA A 19 -18.55 11.83 6.19
CA ALA A 19 -18.25 12.03 4.77
C ALA A 19 -18.00 13.49 4.40
N GLU A 20 -18.87 14.37 4.89
CA GLU A 20 -18.72 15.81 4.65
C GLU A 20 -17.42 16.36 5.22
N LEU A 21 -17.12 15.97 6.46
CA LEU A 21 -15.88 16.40 7.12
C LEU A 21 -14.65 15.94 6.34
N LEU A 22 -14.75 14.76 5.73
CA LEU A 22 -13.61 14.14 5.04
C LEU A 22 -13.52 14.52 3.57
N ASN A 23 -14.54 15.20 3.06
CA ASN A 23 -14.68 15.49 1.63
C ASN A 23 -14.76 14.21 0.80
N VAL A 24 -15.36 13.16 1.34
CA VAL A 24 -15.67 11.97 0.55
C VAL A 24 -17.15 11.90 0.22
N GLU A 25 -17.46 11.39 -0.97
CA GLU A 25 -18.84 11.28 -1.43
C GLU A 25 -19.28 9.82 -1.48
N VAL A 26 -20.32 9.51 -0.72
CA VAL A 26 -20.80 8.14 -0.59
C VAL A 26 -22.07 7.95 -1.41
N GLN A 27 -22.12 6.85 -2.17
CA GLN A 27 -23.32 6.50 -2.92
C GLN A 27 -23.57 5.00 -2.89
N GLU A 28 -24.85 4.62 -2.92
CA GLU A 28 -25.23 3.21 -3.03
C GLU A 28 -25.61 2.87 -4.46
N LEU A 29 -25.03 1.78 -4.98
CA LEU A 29 -25.37 1.28 -6.30
C LEU A 29 -26.65 0.44 -6.22
N GLU A 30 -27.18 0.04 -7.37
CA GLU A 30 -28.48 -0.64 -7.43
C GLU A 30 -28.46 -2.06 -6.84
N ASN A 31 -27.27 -2.68 -6.86
CA ASN A 31 -27.09 -3.98 -6.21
C ASN A 31 -26.81 -3.85 -4.71
N GLY A 32 -26.75 -2.60 -4.22
CA GLY A 32 -26.61 -2.35 -2.81
C GLY A 32 -25.20 -2.04 -2.34
N THR A 33 -24.23 -2.09 -3.26
CA THR A 33 -22.84 -1.82 -2.94
C THR A 33 -22.62 -0.35 -2.63
N THR A 34 -21.89 -0.08 -1.54
CA THR A 34 -21.53 1.28 -1.15
C THR A 34 -20.19 1.67 -1.75
N VAL A 35 -20.20 2.75 -2.53
CA VAL A 35 -18.96 3.30 -3.09
C VAL A 35 -18.62 4.62 -2.40
N ILE A 36 -17.43 4.67 -1.83
CA ILE A 36 -16.94 5.87 -1.16
C ILE A 36 -15.87 6.54 -2.02
N ASP A 37 -16.26 7.62 -2.69
CA ASP A 37 -15.35 8.39 -3.53
C ASP A 37 -14.43 9.23 -2.66
N CYS A 38 -13.13 8.93 -2.73
CA CYS A 38 -12.14 9.64 -1.92
C CYS A 38 -11.22 10.54 -2.75
N GLY A 39 -11.53 10.74 -4.03
CA GLY A 39 -10.70 11.60 -4.84
C GLY A 39 -10.94 11.70 -6.34
N VAL A 40 -11.98 11.04 -6.85
CA VAL A 40 -12.30 11.16 -8.27
C VAL A 40 -13.09 12.45 -8.54
N GLU A 41 -14.28 12.55 -7.95
CA GLU A 41 -15.04 13.80 -7.98
C GLU A 41 -14.92 14.52 -6.64
N ALA A 42 -14.96 13.76 -5.55
CA ALA A 42 -14.72 14.29 -4.22
C ALA A 42 -13.26 14.74 -4.07
N ALA A 43 -13.03 15.72 -3.21
CA ALA A 43 -11.70 16.27 -3.01
C ALA A 43 -10.84 15.38 -2.12
N GLY A 44 -11.48 14.68 -1.20
CA GLY A 44 -10.74 13.94 -0.19
C GLY A 44 -9.91 14.86 0.69
N GLY A 45 -8.78 14.36 1.16
CA GLY A 45 -7.91 15.14 2.02
C GLY A 45 -6.92 14.27 2.76
N PHE A 46 -6.18 14.87 3.68
CA PHE A 46 -5.23 14.15 4.52
C PHE A 46 -5.91 13.11 5.39
N GLU A 47 -7.01 13.51 6.02
CA GLU A 47 -7.75 12.63 6.94
C GLU A 47 -8.39 11.46 6.20
N ALA A 48 -8.97 11.74 5.04
CA ALA A 48 -9.49 10.69 4.16
C ALA A 48 -8.36 9.76 3.72
N GLY A 49 -7.19 10.35 3.46
CA GLY A 49 -6.04 9.55 3.07
C GLY A 49 -5.54 8.62 4.15
N LEU A 50 -5.54 9.09 5.40
CA LEU A 50 -5.08 8.29 6.52
C LEU A 50 -6.03 7.13 6.81
N LEU A 51 -7.33 7.40 6.77
CA LEU A 51 -8.35 6.38 6.97
C LEU A 51 -8.38 5.36 5.83
N PHE A 52 -8.28 5.85 4.60
CA PHE A 52 -8.16 5.00 3.41
C PHE A 52 -7.01 4.01 3.60
N SER A 53 -5.88 4.52 4.07
CA SER A 53 -4.67 3.70 4.27
C SER A 53 -4.88 2.64 5.36
N GLU A 54 -5.55 3.02 6.44
CA GLU A 54 -5.82 2.10 7.53
C GLU A 54 -6.84 1.03 7.15
N VAL A 55 -7.86 1.43 6.39
CA VAL A 55 -8.83 0.49 5.83
C VAL A 55 -8.12 -0.51 4.93
N CYS A 56 -7.24 0.02 4.07
CA CYS A 56 -6.41 -0.79 3.19
C CYS A 56 -5.58 -1.82 3.95
N MET A 57 -5.14 -1.46 5.15
CA MET A 57 -4.31 -2.33 5.97
C MET A 57 -5.12 -3.18 6.95
N GLY A 58 -6.42 -3.29 6.69
CA GLY A 58 -7.27 -4.22 7.42
C GLY A 58 -7.58 -3.84 8.85
N GLY A 59 -7.45 -2.56 9.16
CA GLY A 59 -7.65 -2.10 10.53
C GLY A 59 -6.60 -2.62 11.50
N LEU A 60 -5.50 -3.12 10.96
CA LEU A 60 -4.45 -3.72 11.78
C LEU A 60 -3.20 -2.84 11.84
N ALA A 61 -3.33 -1.57 11.45
CA ALA A 61 -2.21 -0.64 11.49
C ALA A 61 -2.68 0.78 11.83
N THR A 62 -1.79 1.57 12.42
CA THR A 62 -2.04 3.00 12.57
C THR A 62 -1.23 3.77 11.53
N VAL A 63 -1.90 4.68 10.83
CA VAL A 63 -1.24 5.53 9.86
C VAL A 63 -1.48 6.97 10.26
N GLU A 64 -0.42 7.69 10.61
CA GLU A 64 -0.55 9.06 11.08
C GLU A 64 0.39 10.02 10.37
N LEU A 65 0.10 11.30 10.45
CA LEU A 65 0.92 12.34 9.84
C LEU A 65 2.11 12.70 10.71
N THR A 66 3.26 12.86 10.07
CA THR A 66 4.46 13.39 10.70
C THR A 66 5.21 14.24 9.67
N GLU A 67 6.45 14.62 9.97
CA GLU A 67 7.20 15.47 9.05
C GLU A 67 8.47 14.80 8.55
N PHE A 68 8.78 15.03 7.29
CA PHE A 68 10.01 14.55 6.65
C PHE A 68 10.92 15.77 6.41
N GLU A 69 12.12 15.72 7.00
CA GLU A 69 13.10 16.79 6.81
C GLU A 69 14.51 16.24 6.69
N HIS A 70 15.05 16.25 5.47
CA HIS A 70 16.41 15.78 5.19
C HIS A 70 17.03 16.63 4.10
N ASP A 71 18.24 17.13 4.35
CA ASP A 71 19.03 17.86 3.36
C ASP A 71 18.25 18.98 2.66
N GLY A 72 17.49 19.75 3.44
CA GLY A 72 16.79 20.90 2.90
C GLY A 72 15.52 20.55 2.14
N LEU A 73 15.12 19.28 2.22
CA LEU A 73 13.81 18.88 1.69
C LEU A 73 12.88 18.60 2.86
N CYS A 74 11.88 19.47 3.01
CA CYS A 74 10.84 19.26 4.02
C CYS A 74 9.49 19.00 3.38
N LEU A 75 8.90 17.86 3.74
CA LEU A 75 7.57 17.48 3.25
C LEU A 75 6.76 16.90 4.40
N PRO A 76 5.42 16.89 4.28
CA PRO A 76 4.62 16.01 5.13
C PRO A 76 4.99 14.55 4.90
N ALA A 77 4.83 13.73 5.93
CA ALA A 77 5.16 12.31 5.85
C ALA A 77 4.11 11.46 6.55
N VAL A 78 4.03 10.19 6.18
CA VAL A 78 3.22 9.23 6.92
C VAL A 78 4.10 8.36 7.82
N GLN A 79 3.52 7.93 8.94
CA GLN A 79 4.17 7.00 9.84
C GLN A 79 3.25 5.80 10.01
N VAL A 80 3.73 4.63 9.61
CA VAL A 80 2.92 3.42 9.54
C VAL A 80 3.42 2.39 10.54
N THR A 81 2.53 1.90 11.39
CA THR A 81 2.89 0.93 12.42
C THR A 81 1.90 -0.23 12.48
N THR A 82 2.42 -1.46 12.49
CA THR A 82 1.57 -2.64 12.61
C THR A 82 2.22 -3.77 13.40
N ASP A 83 1.41 -4.46 14.20
CA ASP A 83 1.87 -5.60 14.97
C ASP A 83 1.35 -6.90 14.35
N HIS A 84 0.86 -6.80 13.11
CA HIS A 84 0.47 -7.96 12.31
C HIS A 84 1.05 -7.82 10.90
N PRO A 85 2.38 -7.84 10.76
CA PRO A 85 3.03 -7.31 9.55
C PRO A 85 2.62 -8.02 8.26
N ALA A 86 2.74 -9.34 8.23
CA ALA A 86 2.42 -10.11 7.03
C ALA A 86 0.94 -10.05 6.67
N VAL A 87 0.07 -10.17 7.66
CA VAL A 87 -1.37 -10.14 7.43
C VAL A 87 -1.85 -8.74 7.04
N SER A 88 -1.39 -7.72 7.75
CA SER A 88 -1.82 -6.35 7.47
C SER A 88 -1.37 -5.89 6.08
N THR A 89 -0.12 -6.14 5.74
CA THR A 89 0.44 -5.60 4.51
C THR A 89 0.27 -6.50 3.29
N LEU A 90 0.23 -7.81 3.50
CA LEU A 90 0.20 -8.76 2.38
C LEU A 90 -1.15 -9.44 2.18
N ALA A 91 -1.82 -9.79 3.27
CA ALA A 91 -3.17 -10.33 3.18
C ALA A 91 -4.18 -9.25 2.85
N ALA A 92 -3.85 -7.99 3.16
CA ALA A 92 -4.75 -6.87 2.89
C ALA A 92 -4.14 -5.81 1.97
N GLN A 93 -3.14 -5.06 2.47
CA GLN A 93 -2.71 -3.83 1.80
C GLN A 93 -2.22 -3.97 0.36
N LYS A 94 -1.47 -5.04 0.08
CA LYS A 94 -0.86 -5.23 -1.24
C LYS A 94 -1.88 -5.14 -2.37
N ALA A 95 -1.54 -4.38 -3.41
CA ALA A 95 -2.40 -4.25 -4.60
C ALA A 95 -2.25 -5.48 -5.48
N GLY A 96 -2.81 -6.61 -5.03
CA GLY A 96 -2.60 -7.86 -5.71
C GLY A 96 -3.78 -8.36 -6.52
N TRP A 97 -4.80 -7.51 -6.66
CA TRP A 97 -5.99 -7.87 -7.42
C TRP A 97 -6.13 -6.94 -8.61
N GLN A 98 -5.82 -7.45 -9.81
CA GLN A 98 -6.11 -6.72 -11.03
C GLN A 98 -7.59 -6.86 -11.37
N VAL A 99 -8.33 -5.78 -11.11
CA VAL A 99 -9.78 -5.78 -11.33
C VAL A 99 -10.09 -5.25 -12.74
N GLN A 100 -10.63 -6.13 -13.57
CA GLN A 100 -10.98 -5.76 -14.94
C GLN A 100 -12.37 -6.31 -15.31
N VAL A 101 -13.34 -5.41 -15.37
CA VAL A 101 -14.70 -5.76 -15.76
C VAL A 101 -15.14 -4.87 -16.91
N GLY A 102 -15.29 -5.46 -18.10
CA GLY A 102 -15.62 -4.67 -19.27
C GLY A 102 -14.53 -3.68 -19.61
N ASP A 103 -14.90 -2.41 -19.65
CA ASP A 103 -13.97 -1.33 -20.02
C ASP A 103 -13.36 -0.68 -18.79
N TYR A 104 -13.51 -1.31 -17.63
CA TYR A 104 -12.97 -0.79 -16.39
C TYR A 104 -11.74 -1.58 -15.95
N PHE A 105 -10.63 -0.88 -15.74
CA PHE A 105 -9.44 -1.47 -15.14
C PHE A 105 -8.99 -0.68 -13.92
N ALA A 106 -8.61 -1.41 -12.87
CA ALA A 106 -8.09 -0.81 -11.65
C ALA A 106 -7.33 -1.83 -10.82
N MET A 107 -6.29 -1.37 -10.13
CA MET A 107 -5.60 -2.21 -9.15
C MET A 107 -6.37 -2.17 -7.84
N GLY A 108 -6.74 -3.36 -7.36
CA GLY A 108 -7.47 -3.46 -6.11
C GLY A 108 -6.58 -3.91 -4.97
N SER A 109 -6.71 -3.24 -3.83
CA SER A 109 -5.99 -3.60 -2.63
C SER A 109 -6.92 -3.57 -1.43
N GLY A 110 -6.48 -4.11 -0.30
CA GLY A 110 -7.28 -4.07 0.90
C GLY A 110 -7.93 -5.41 1.25
N PRO A 111 -8.69 -5.47 2.35
CA PRO A 111 -9.04 -6.73 3.02
C PRO A 111 -9.90 -7.71 2.21
N ALA A 112 -10.61 -7.21 1.20
CA ALA A 112 -11.44 -8.06 0.35
C ALA A 112 -10.63 -9.14 -0.37
N ARG A 113 -9.36 -8.84 -0.64
CA ARG A 113 -8.43 -9.79 -1.23
C ARG A 113 -8.28 -11.05 -0.39
N ALA A 114 -8.54 -10.95 0.91
CA ALA A 114 -8.39 -12.07 1.84
C ALA A 114 -9.61 -12.99 1.84
N LEU A 115 -10.68 -12.53 1.19
CA LEU A 115 -11.85 -13.37 0.95
C LEU A 115 -11.78 -14.00 -0.44
N ALA A 116 -11.46 -13.18 -1.45
CA ALA A 116 -11.37 -13.64 -2.82
C ALA A 116 -10.07 -14.40 -3.08
N LEU A 117 -9.09 -14.20 -2.20
CA LEU A 117 -7.76 -14.82 -2.30
C LEU A 117 -7.01 -14.45 -3.58
N LYS A 118 -6.71 -13.16 -3.71
CA LYS A 118 -6.04 -12.63 -4.90
C LYS A 118 -4.70 -12.00 -4.54
N PRO A 119 -3.58 -12.62 -4.94
CA PRO A 119 -3.51 -13.96 -5.55
C PRO A 119 -3.47 -15.07 -4.50
N LYS A 120 -3.93 -16.26 -4.89
CA LYS A 120 -4.03 -17.40 -3.97
C LYS A 120 -2.70 -17.78 -3.33
N GLU A 121 -1.60 -17.62 -4.07
CA GLU A 121 -0.29 -18.06 -3.61
C GLU A 121 0.17 -17.34 -2.35
N THR A 122 -0.11 -16.04 -2.27
CA THR A 122 0.26 -15.23 -1.09
C THR A 122 -0.35 -15.79 0.19
N TYR A 123 -1.63 -16.15 0.11
CA TYR A 123 -2.37 -16.63 1.28
C TYR A 123 -1.93 -18.03 1.72
N GLU A 124 -1.50 -18.84 0.76
CA GLU A 124 -0.92 -20.14 1.06
C GLU A 124 0.44 -19.98 1.73
N GLU A 125 1.21 -18.99 1.28
CA GLU A 125 2.56 -18.76 1.78
C GLU A 125 2.60 -18.19 3.19
N ILE A 126 1.61 -17.38 3.55
CA ILE A 126 1.54 -16.82 4.90
C ILE A 126 0.51 -17.54 5.78
N ASP A 127 -0.18 -18.52 5.21
CA ASP A 127 -1.17 -19.31 5.92
C ASP A 127 -2.26 -18.44 6.55
N TYR A 128 -2.96 -17.68 5.72
CA TYR A 128 -4.03 -16.82 6.18
C TYR A 128 -5.22 -16.82 5.23
N GLU A 129 -6.41 -16.86 5.80
CA GLU A 129 -7.64 -16.62 5.06
C GLU A 129 -8.68 -16.01 5.98
N ASP A 130 -9.35 -14.97 5.53
CA ASP A 130 -10.33 -14.27 6.34
C ASP A 130 -11.67 -15.01 6.34
N ASP A 131 -12.37 -14.94 7.46
CA ASP A 131 -13.77 -15.35 7.52
C ASP A 131 -14.63 -14.17 7.99
N ALA A 132 -15.33 -13.57 7.05
CA ALA A 132 -16.11 -12.37 7.32
C ALA A 132 -17.27 -12.31 6.34
N ASP A 133 -18.38 -11.72 6.77
CA ASP A 133 -19.54 -11.56 5.91
C ASP A 133 -19.60 -10.18 5.26
N VAL A 134 -18.53 -9.40 5.46
CA VAL A 134 -18.37 -8.12 4.77
C VAL A 134 -17.06 -8.09 3.99
N ALA A 135 -17.05 -7.35 2.88
CA ALA A 135 -15.86 -7.22 2.06
C ALA A 135 -15.57 -5.75 1.77
N ILE A 136 -14.31 -5.36 1.93
CA ILE A 136 -13.90 -3.98 1.71
C ILE A 136 -12.67 -3.95 0.78
N LEU A 137 -12.82 -3.26 -0.35
CA LEU A 137 -11.73 -3.15 -1.32
C LEU A 137 -11.44 -1.70 -1.67
N CYS A 138 -10.15 -1.38 -1.79
CA CYS A 138 -9.70 -0.07 -2.23
C CYS A 138 -9.27 -0.14 -3.69
N LEU A 139 -9.78 0.79 -4.49
CA LEU A 139 -9.47 0.84 -5.91
C LEU A 139 -8.70 2.10 -6.26
N GLU A 140 -7.54 1.92 -6.87
CA GLU A 140 -6.78 3.04 -7.42
C GLU A 140 -7.19 3.24 -8.87
N SER A 141 -7.94 4.31 -9.13
CA SER A 141 -8.54 4.51 -10.43
C SER A 141 -8.94 5.95 -10.62
N SER A 142 -8.93 6.42 -11.87
CA SER A 142 -9.39 7.76 -12.22
C SER A 142 -10.90 7.80 -12.47
N GLU A 143 -11.55 6.64 -12.36
CA GLU A 143 -12.98 6.54 -12.62
C GLU A 143 -13.66 5.74 -11.51
N LEU A 144 -14.89 6.15 -11.17
CA LEU A 144 -15.69 5.43 -10.19
C LEU A 144 -16.25 4.14 -10.79
N PRO A 145 -16.20 3.04 -10.04
CA PRO A 145 -16.69 1.75 -10.53
C PRO A 145 -18.22 1.70 -10.57
N ASP A 146 -18.77 1.13 -11.64
CA ASP A 146 -20.21 0.94 -11.73
C ASP A 146 -20.67 -0.40 -11.15
N GLU A 147 -21.95 -0.69 -11.33
CA GLU A 147 -22.60 -1.79 -10.63
C GLU A 147 -21.99 -3.16 -10.91
N ASP A 148 -21.55 -3.39 -12.15
CA ASP A 148 -21.04 -4.70 -12.53
C ASP A 148 -19.62 -4.97 -12.03
N VAL A 149 -18.86 -3.91 -11.78
CA VAL A 149 -17.56 -4.03 -11.11
C VAL A 149 -17.79 -4.43 -9.65
N ALA A 150 -18.75 -3.78 -9.02
CA ALA A 150 -19.13 -4.07 -7.65
C ALA A 150 -19.64 -5.50 -7.53
N GLU A 151 -20.50 -5.89 -8.45
CA GLU A 151 -21.06 -7.24 -8.49
C GLU A 151 -19.97 -8.30 -8.59
N HIS A 152 -18.98 -8.03 -9.45
CA HIS A 152 -17.88 -8.96 -9.64
C HIS A 152 -17.06 -9.15 -8.36
N VAL A 153 -16.67 -8.03 -7.75
CA VAL A 153 -15.89 -8.06 -6.51
C VAL A 153 -16.66 -8.78 -5.39
N ALA A 154 -17.93 -8.44 -5.24
CA ALA A 154 -18.79 -9.07 -4.23
C ALA A 154 -18.92 -10.56 -4.44
N ASP A 155 -19.07 -10.97 -5.71
CA ASP A 155 -19.19 -12.39 -6.07
C ASP A 155 -17.93 -13.17 -5.71
N GLU A 156 -16.77 -12.65 -6.11
CA GLU A 156 -15.51 -13.34 -5.88
C GLU A 156 -15.16 -13.42 -4.38
N CYS A 157 -15.68 -12.48 -3.60
CA CYS A 157 -15.48 -12.48 -2.16
C CYS A 157 -16.52 -13.36 -1.44
N GLY A 158 -17.56 -13.75 -2.16
CA GLY A 158 -18.59 -14.60 -1.60
C GLY A 158 -19.53 -13.89 -0.64
N VAL A 159 -19.69 -12.58 -0.82
CA VAL A 159 -20.61 -11.81 0.00
C VAL A 159 -21.72 -11.20 -0.83
N ASP A 160 -22.82 -10.85 -0.18
CA ASP A 160 -23.90 -10.09 -0.81
C ASP A 160 -23.36 -8.69 -1.12
N PRO A 161 -23.68 -8.16 -2.31
CA PRO A 161 -23.20 -6.83 -2.71
C PRO A 161 -23.59 -5.69 -1.76
N GLU A 162 -24.62 -5.92 -0.95
CA GLU A 162 -25.01 -4.96 0.08
C GLU A 162 -23.97 -4.88 1.20
N ASN A 163 -23.13 -5.91 1.28
CA ASN A 163 -22.08 -5.98 2.29
C ASN A 163 -20.69 -5.75 1.69
N LEU A 164 -20.66 -5.17 0.49
CA LEU A 164 -19.40 -4.76 -0.12
C LEU A 164 -19.24 -3.25 -0.04
N TYR A 165 -18.03 -2.82 0.29
CA TYR A 165 -17.69 -1.40 0.33
C TYR A 165 -16.47 -1.16 -0.55
N LEU A 166 -16.58 -0.18 -1.44
CA LEU A 166 -15.49 0.15 -2.34
C LEU A 166 -15.01 1.58 -2.09
N LEU A 167 -13.73 1.72 -1.75
CA LEU A 167 -13.09 3.03 -1.59
C LEU A 167 -12.28 3.31 -2.85
N VAL A 168 -12.41 4.52 -3.39
CA VAL A 168 -11.80 4.85 -4.67
C VAL A 168 -11.07 6.20 -4.65
N ALA A 169 -9.85 6.22 -5.17
CA ALA A 169 -9.10 7.45 -5.38
C ALA A 169 -8.10 7.24 -6.51
N PRO A 170 -7.87 8.27 -7.33
CA PRO A 170 -6.80 8.23 -8.34
C PRO A 170 -5.43 8.40 -7.71
N THR A 171 -4.40 7.98 -8.46
CA THR A 171 -3.02 8.13 -8.02
C THR A 171 -2.69 9.62 -7.83
N ALA A 172 -3.12 10.44 -8.79
CA ALA A 172 -2.92 11.88 -8.72
C ALA A 172 -4.01 12.55 -7.88
N SER A 173 -3.97 12.28 -6.57
CA SER A 173 -4.80 12.98 -5.60
C SER A 173 -4.06 12.91 -4.27
N ILE A 174 -4.45 13.76 -3.33
CA ILE A 174 -3.80 13.78 -2.02
C ILE A 174 -4.00 12.45 -1.28
N VAL A 175 -5.15 11.81 -1.48
CA VAL A 175 -5.40 10.48 -0.94
C VAL A 175 -4.49 9.47 -1.63
N GLY A 176 -4.27 9.66 -2.93
CA GLY A 176 -3.31 8.86 -3.66
C GLY A 176 -1.91 8.96 -3.08
N SER A 177 -1.44 10.19 -2.83
CA SER A 177 -0.12 10.42 -2.26
C SER A 177 0.03 9.77 -0.87
N VAL A 178 -0.98 9.96 -0.02
CA VAL A 178 -0.97 9.41 1.32
C VAL A 178 -0.99 7.87 1.31
N GLN A 179 -1.92 7.28 0.56
CA GLN A 179 -2.12 5.83 0.62
C GLN A 179 -0.97 5.04 0.00
N VAL A 180 -0.31 5.60 -1.00
CA VAL A 180 0.84 4.94 -1.60
C VAL A 180 2.07 5.03 -0.68
N SER A 181 2.31 6.19 -0.09
CA SER A 181 3.42 6.33 0.85
C SER A 181 3.24 5.43 2.06
N ALA A 182 1.98 5.13 2.39
CA ALA A 182 1.64 4.27 3.51
C ALA A 182 2.01 2.80 3.25
N ARG A 183 2.40 2.47 2.03
CA ARG A 183 2.84 1.10 1.73
C ARG A 183 4.33 0.92 1.72
N VAL A 184 5.00 1.81 2.44
CA VAL A 184 6.44 1.73 2.62
C VAL A 184 6.83 0.46 3.39
N VAL A 185 6.05 0.10 4.40
CA VAL A 185 6.29 -1.15 5.15
C VAL A 185 5.94 -2.35 4.28
N GLU A 186 4.84 -2.23 3.52
CA GLU A 186 4.36 -3.31 2.68
C GLU A 186 5.38 -3.73 1.62
N THR A 187 6.00 -2.76 0.95
CA THR A 187 6.94 -3.06 -0.12
C THR A 187 8.14 -3.84 0.40
N GLY A 188 8.50 -3.58 1.65
CA GLY A 188 9.56 -4.34 2.30
C GLY A 188 9.17 -5.78 2.55
N LEU A 189 7.95 -5.97 3.06
CA LEU A 189 7.42 -7.29 3.35
C LEU A 189 7.21 -8.10 2.06
N TYR A 190 6.70 -7.45 1.02
CA TYR A 190 6.48 -8.11 -0.25
C TYR A 190 7.77 -8.57 -0.92
N LYS A 191 8.80 -7.72 -0.87
CA LYS A 191 10.10 -8.09 -1.45
C LYS A 191 10.74 -9.24 -0.68
N LEU A 192 10.60 -9.21 0.64
CA LEU A 192 11.07 -10.31 1.48
C LEU A 192 10.47 -11.65 1.06
N LEU A 193 9.15 -11.67 0.88
CA LEU A 193 8.45 -12.89 0.52
C LEU A 193 8.71 -13.29 -0.94
N GLU A 194 8.43 -12.36 -1.86
CA GLU A 194 8.43 -12.69 -3.28
C GLU A 194 9.80 -12.75 -3.92
N VAL A 195 10.64 -11.77 -3.61
CA VAL A 195 11.94 -11.67 -4.27
C VAL A 195 13.01 -12.45 -3.52
N LEU A 196 13.07 -12.29 -2.20
CA LEU A 196 14.10 -12.92 -1.39
C LEU A 196 13.65 -14.24 -0.79
N GLU A 197 12.39 -14.61 -1.04
CA GLU A 197 11.81 -15.88 -0.58
C GLU A 197 12.04 -16.15 0.91
N TYR A 198 11.89 -15.11 1.72
CA TYR A 198 12.00 -15.19 3.17
C TYR A 198 10.63 -15.50 3.76
N ASP A 199 10.59 -16.17 4.91
CA ASP A 199 9.34 -16.42 5.61
C ASP A 199 8.92 -15.19 6.40
N VAL A 200 8.00 -14.42 5.83
CA VAL A 200 7.61 -13.12 6.39
C VAL A 200 6.77 -13.23 7.65
N THR A 201 6.31 -14.43 7.99
CA THR A 201 5.63 -14.65 9.27
C THR A 201 6.62 -14.56 10.43
N ARG A 202 7.92 -14.53 10.10
CA ARG A 202 8.97 -14.27 11.08
C ARG A 202 8.97 -12.82 11.55
N VAL A 203 8.45 -11.92 10.71
CA VAL A 203 8.36 -10.50 11.04
C VAL A 203 7.22 -10.27 12.02
N LYS A 204 7.56 -9.88 13.24
CA LYS A 204 6.58 -9.79 14.32
C LYS A 204 5.99 -8.39 14.49
N TYR A 205 6.85 -7.37 14.43
CA TYR A 205 6.40 -5.97 14.50
C TYR A 205 7.06 -5.16 13.40
N ALA A 206 6.44 -4.05 13.03
CA ALA A 206 6.97 -3.19 11.98
C ALA A 206 6.48 -1.75 12.12
N THR A 207 7.37 -0.80 11.83
CA THR A 207 7.00 0.60 11.74
C THR A 207 7.87 1.29 10.68
N GLY A 208 7.30 2.27 9.99
CA GLY A 208 8.02 2.93 8.91
C GLY A 208 7.52 4.32 8.59
N THR A 209 8.32 5.08 7.86
CA THR A 209 7.94 6.43 7.44
C THR A 209 8.29 6.67 5.97
N ALA A 210 7.55 7.58 5.34
CA ALA A 210 7.82 7.98 3.96
C ALA A 210 7.19 9.34 3.71
N PRO A 211 7.86 10.20 2.92
CA PRO A 211 7.30 11.52 2.58
C PRO A 211 6.06 11.37 1.70
N ILE A 212 5.20 12.38 1.75
CA ILE A 212 4.00 12.41 0.91
C ILE A 212 4.28 13.24 -0.34
N ALA A 213 4.13 12.62 -1.50
CA ALA A 213 4.48 13.24 -2.78
C ALA A 213 3.60 14.44 -3.06
N PRO A 214 4.20 15.54 -3.56
CA PRO A 214 3.43 16.59 -4.24
C PRO A 214 2.56 15.99 -5.33
N VAL A 215 1.27 16.33 -5.34
CA VAL A 215 0.33 15.75 -6.28
C VAL A 215 0.62 16.20 -7.71
N ALA A 216 0.82 15.23 -8.61
CA ALA A 216 1.03 15.50 -10.03
C ALA A 216 -0.29 15.85 -10.72
N ASP A 217 -0.20 16.31 -11.97
CA ASP A 217 -1.42 16.65 -12.72
C ASP A 217 -1.95 15.51 -13.59
N ASP A 218 -1.28 14.37 -13.56
CA ASP A 218 -1.85 13.14 -14.12
C ASP A 218 -1.38 11.89 -13.36
N ASP A 219 -2.11 10.80 -13.54
CA ASP A 219 -1.89 9.57 -12.78
C ASP A 219 -0.55 8.91 -13.10
N GLY A 220 -0.10 9.06 -14.34
CA GLY A 220 1.16 8.46 -14.76
C GLY A 220 2.37 9.01 -14.02
N GLU A 221 2.48 10.34 -13.99
CA GLU A 221 3.54 11.01 -13.24
C GLU A 221 3.40 10.79 -11.73
N ALA A 222 2.16 10.74 -11.25
CA ALA A 222 1.89 10.50 -9.83
C ALA A 222 2.35 9.12 -9.41
N MET A 223 2.25 8.15 -10.31
CA MET A 223 2.75 6.81 -10.05
C MET A 223 4.26 6.85 -9.79
N GLY A 224 4.98 7.61 -10.61
CA GLY A 224 6.41 7.74 -10.43
C GLY A 224 6.77 8.43 -9.14
N ARG A 225 6.12 9.57 -8.87
CA ARG A 225 6.38 10.35 -7.66
C ARG A 225 6.12 9.56 -6.38
N THR A 226 4.94 8.94 -6.31
CA THR A 226 4.55 8.21 -5.11
C THR A 226 5.42 6.99 -4.87
N ASN A 227 5.84 6.34 -5.95
CA ASN A 227 6.81 5.24 -5.86
C ASN A 227 8.15 5.73 -5.31
N ASP A 228 8.61 6.88 -5.80
CA ASP A 228 9.88 7.45 -5.38
C ASP A 228 9.92 7.78 -3.89
N CYS A 229 8.77 8.15 -3.32
CA CYS A 229 8.66 8.39 -1.88
C CYS A 229 9.10 7.17 -1.08
N ILE A 230 8.75 5.98 -1.56
CA ILE A 230 9.15 4.74 -0.91
C ILE A 230 10.61 4.38 -1.25
N LEU A 231 10.92 4.32 -2.55
CA LEU A 231 12.22 3.87 -3.02
C LEU A 231 13.37 4.77 -2.56
N TYR A 232 13.09 6.06 -2.42
CA TYR A 232 14.13 7.04 -2.14
C TYR A 232 13.91 7.84 -0.86
N GLY A 233 12.74 7.68 -0.24
CA GLY A 233 12.45 8.42 0.98
C GLY A 233 11.92 7.58 2.13
N GLY A 234 11.81 6.27 1.92
CA GLY A 234 11.19 5.41 2.92
C GLY A 234 12.16 4.75 3.88
N THR A 235 11.77 4.71 5.15
CA THR A 235 12.54 4.00 6.18
C THR A 235 11.63 2.97 6.85
N VAL A 236 12.10 1.73 6.94
CA VAL A 236 11.33 0.67 7.60
C VAL A 236 12.11 0.00 8.72
N TYR A 237 11.46 -0.10 9.88
CA TYR A 237 12.02 -0.78 11.04
C TYR A 237 11.29 -2.10 11.24
N LEU A 238 12.01 -3.20 11.07
CA LEU A 238 11.42 -4.53 11.20
C LEU A 238 11.99 -5.26 12.40
N TYR A 239 11.13 -6.02 13.07
CA TYR A 239 11.53 -6.83 14.21
C TYR A 239 11.21 -8.29 13.89
N VAL A 240 12.26 -9.09 13.75
CA VAL A 240 12.16 -10.41 13.13
C VAL A 240 12.69 -11.52 14.04
N GLU A 241 11.99 -12.65 14.02
CA GLU A 241 12.52 -13.91 14.53
C GLU A 241 13.54 -14.41 13.52
N GLY A 242 14.80 -14.02 13.69
CA GLY A 242 15.79 -14.19 12.64
C GLY A 242 16.41 -15.56 12.56
N ASP A 243 17.15 -15.79 11.47
CA ASP A 243 17.94 -17.00 11.31
C ASP A 243 19.37 -16.67 10.90
N ASP A 244 20.07 -17.66 10.33
CA ASP A 244 21.47 -17.51 9.96
C ASP A 244 21.66 -16.63 8.72
N GLU A 245 20.66 -16.60 7.85
CA GLU A 245 20.77 -15.83 6.61
C GLU A 245 20.15 -14.44 6.70
N LEU A 246 19.79 -14.03 7.91
CA LEU A 246 19.19 -12.70 8.14
C LEU A 246 20.09 -11.55 7.69
N PRO A 247 21.39 -11.56 8.06
CA PRO A 247 22.28 -10.47 7.67
C PRO A 247 22.40 -10.27 6.16
N GLU A 248 22.44 -11.38 5.42
CA GLU A 248 22.54 -11.34 3.97
C GLU A 248 21.24 -10.84 3.35
N VAL A 249 20.12 -11.29 3.92
CA VAL A 249 18.78 -10.87 3.48
C VAL A 249 18.58 -9.37 3.65
N VAL A 250 19.05 -8.81 4.76
CA VAL A 250 18.93 -7.37 5.03
C VAL A 250 19.74 -6.53 4.04
N GLU A 251 20.93 -7.02 3.67
CA GLU A 251 21.75 -6.33 2.67
C GLU A 251 21.09 -6.32 1.30
N GLU A 252 20.23 -7.30 1.05
CA GLU A 252 19.54 -7.41 -0.23
C GLU A 252 18.18 -6.71 -0.25
N LEU A 253 17.73 -6.23 0.90
CA LEU A 253 16.36 -5.72 1.02
C LEU A 253 16.11 -4.32 0.44
N PRO A 254 17.01 -3.34 0.66
CA PRO A 254 16.72 -1.97 0.21
C PRO A 254 16.66 -1.85 -1.31
N SER A 255 16.07 -0.76 -1.79
CA SER A 255 15.94 -0.53 -3.22
C SER A 255 17.28 -0.44 -3.94
N GLU A 256 18.32 0.00 -3.22
CA GLU A 256 19.65 0.13 -3.81
C GLU A 256 20.30 -1.21 -4.14
N ALA A 257 19.75 -2.29 -3.60
CA ALA A 257 20.25 -3.62 -3.91
C ALA A 257 19.90 -4.01 -5.35
N SER A 258 19.11 -3.17 -6.01
CA SER A 258 18.70 -3.39 -7.40
C SER A 258 19.60 -2.62 -8.35
N GLU A 259 19.79 -3.15 -9.56
CA GLU A 259 20.56 -2.48 -10.60
C GLU A 259 19.78 -1.34 -11.24
N ASP A 260 18.47 -1.31 -11.01
CA ASP A 260 17.60 -0.26 -11.53
C ASP A 260 17.58 0.99 -10.64
N TYR A 261 18.24 0.92 -9.49
CA TYR A 261 18.29 2.04 -8.55
C TYR A 261 19.08 3.23 -9.08
N GLY A 262 18.61 4.44 -8.77
CA GLY A 262 19.41 5.63 -9.00
C GLY A 262 18.67 6.80 -9.61
N LYS A 263 17.60 6.51 -10.34
CA LYS A 263 16.84 7.53 -11.06
C LYS A 263 15.38 7.52 -10.60
N PRO A 264 14.66 8.64 -10.77
CA PRO A 264 13.21 8.66 -10.54
C PRO A 264 12.51 7.53 -11.29
N PHE A 265 11.47 6.97 -10.67
CA PHE A 265 10.80 5.79 -11.21
C PHE A 265 10.28 6.01 -12.62
N MET A 266 9.84 7.23 -12.93
CA MET A 266 9.38 7.57 -14.27
C MET A 266 10.47 7.28 -15.31
N LYS A 267 11.72 7.53 -14.95
CA LYS A 267 12.84 7.28 -15.85
C LYS A 267 13.20 5.79 -15.90
N ILE A 268 13.08 5.11 -14.77
CA ILE A 268 13.22 3.66 -14.73
C ILE A 268 12.16 3.02 -15.63
N PHE A 269 10.94 3.55 -15.56
CA PHE A 269 9.83 3.08 -16.36
C PHE A 269 10.06 3.31 -17.85
N GLU A 270 10.51 4.51 -18.21
CA GLU A 270 10.78 4.85 -19.61
C GLU A 270 11.90 4.01 -20.22
N GLU A 271 12.94 3.78 -19.44
CA GLU A 271 14.08 2.97 -19.89
C GLU A 271 13.73 1.50 -19.99
N ALA A 272 12.62 1.11 -19.36
CA ALA A 272 12.13 -0.26 -19.44
C ALA A 272 11.05 -0.42 -20.50
N ASP A 273 11.02 0.52 -21.46
CA ASP A 273 10.04 0.52 -22.54
C ASP A 273 8.60 0.55 -22.02
N TYR A 274 8.39 1.24 -20.90
CA TYR A 274 7.07 1.34 -20.27
C TYR A 274 6.45 -0.01 -19.97
N ASP A 275 7.31 -0.98 -19.68
CA ASP A 275 6.89 -2.35 -19.44
C ASP A 275 7.34 -2.78 -18.04
N PHE A 276 6.36 -2.99 -17.16
CA PHE A 276 6.64 -3.36 -15.77
C PHE A 276 7.43 -4.65 -15.64
N TYR A 277 7.32 -5.52 -16.64
CA TYR A 277 8.00 -6.80 -16.63
C TYR A 277 9.50 -6.68 -16.85
N LYS A 278 9.92 -5.58 -17.48
CA LYS A 278 11.35 -5.33 -17.74
C LYS A 278 12.02 -4.56 -16.60
N ILE A 279 11.27 -4.27 -15.54
CA ILE A 279 11.82 -3.64 -14.34
C ILE A 279 12.16 -4.72 -13.32
N ASP A 280 13.34 -4.61 -12.71
CA ASP A 280 13.73 -5.51 -11.63
C ASP A 280 12.77 -5.35 -10.46
N PRO A 281 12.10 -6.44 -10.06
CA PRO A 281 11.13 -6.40 -8.95
C PRO A 281 11.77 -6.05 -7.61
N GLY A 282 13.09 -6.19 -7.53
CA GLY A 282 13.82 -5.85 -6.32
C GLY A 282 13.96 -4.36 -6.08
N VAL A 283 13.65 -3.55 -7.09
CA VAL A 283 13.74 -2.10 -6.96
C VAL A 283 12.55 -1.54 -6.18
N PHE A 284 11.46 -2.30 -6.13
CA PHE A 284 10.27 -1.91 -5.38
C PHE A 284 10.47 -2.24 -3.90
N ALA A 285 11.22 -1.37 -3.22
CA ALA A 285 11.60 -1.59 -1.83
C ALA A 285 11.85 -0.24 -1.16
N PRO A 286 11.90 -0.22 0.18
CA PRO A 286 12.25 1.01 0.92
C PRO A 286 13.69 1.45 0.67
N ALA A 287 13.92 2.75 0.75
CA ALA A 287 15.27 3.31 0.64
C ALA A 287 16.19 2.78 1.74
N ARG A 288 15.64 2.62 2.94
CA ARG A 288 16.43 2.37 4.14
C ARG A 288 15.72 1.36 5.04
N VAL A 289 16.43 0.32 5.47
CA VAL A 289 15.87 -0.65 6.39
C VAL A 289 16.71 -0.80 7.65
N VAL A 290 16.03 -0.97 8.78
CA VAL A 290 16.68 -1.22 10.07
C VAL A 290 15.98 -2.43 10.69
N VAL A 291 16.73 -3.52 10.84
CA VAL A 291 16.14 -4.80 11.21
C VAL A 291 16.72 -5.34 12.53
N ASN A 292 15.85 -5.48 13.52
CA ASN A 292 16.23 -6.00 14.84
C ASN A 292 15.92 -7.50 14.90
N ASP A 293 16.97 -8.31 15.04
CA ASP A 293 16.83 -9.75 15.20
C ASP A 293 16.45 -10.07 16.64
N LEU A 294 15.19 -10.45 16.85
CA LEU A 294 14.64 -10.67 18.19
C LEU A 294 15.28 -11.85 18.91
N SER A 295 15.85 -12.78 18.14
CA SER A 295 16.43 -13.98 18.73
C SER A 295 17.89 -13.80 19.16
N THR A 296 18.56 -12.79 18.60
CA THR A 296 19.96 -12.52 18.96
C THR A 296 20.16 -11.16 19.62
N GLY A 297 19.20 -10.27 19.46
CA GLY A 297 19.33 -8.93 20.00
C GLY A 297 20.05 -7.96 19.07
N LYS A 298 20.54 -8.45 17.94
CA LYS A 298 21.32 -7.64 17.02
C LYS A 298 20.47 -6.81 16.06
N THR A 299 21.06 -5.76 15.52
CA THR A 299 20.39 -4.89 14.56
C THR A 299 21.23 -4.77 13.29
N TYR A 300 20.58 -4.97 12.15
CA TYR A 300 21.22 -4.83 10.85
C TYR A 300 20.58 -3.69 10.06
N THR A 301 21.41 -2.87 9.44
CA THR A 301 20.92 -1.74 8.63
C THR A 301 21.48 -1.82 7.22
N ALA A 302 20.71 -1.29 6.27
CA ALA A 302 21.15 -1.19 4.88
C ALA A 302 20.35 -0.11 4.16
N GLY A 303 20.99 0.55 3.19
CA GLY A 303 20.30 1.55 2.40
C GLY A 303 20.33 2.95 3.01
N GLU A 304 20.01 3.95 2.19
CA GLU A 304 19.94 5.34 2.64
C GLU A 304 18.79 6.07 1.95
N ILE A 305 18.30 7.11 2.60
CA ILE A 305 17.41 8.06 1.96
C ILE A 305 18.18 8.82 0.88
N ASN A 306 17.55 9.03 -0.28
CA ASN A 306 18.17 9.75 -1.38
C ASN A 306 17.36 11.00 -1.72
N VAL A 307 17.72 12.12 -1.10
CA VAL A 307 17.00 13.37 -1.27
C VAL A 307 17.16 13.95 -2.68
N ASP A 308 18.31 13.70 -3.30
CA ASP A 308 18.59 14.19 -4.65
C ASP A 308 17.57 13.67 -5.65
N VAL A 309 17.30 12.37 -5.61
CA VAL A 309 16.35 11.76 -6.54
C VAL A 309 14.92 12.23 -6.27
N LEU A 310 14.60 12.43 -5.00
CA LEU A 310 13.30 12.98 -4.60
C LEU A 310 13.10 14.39 -5.15
N LYS A 311 14.13 15.23 -5.02
CA LYS A 311 14.11 16.58 -5.58
C LYS A 311 13.97 16.59 -7.10
N GLU A 312 14.70 15.70 -7.77
CA GLU A 312 14.56 15.52 -9.22
C GLU A 312 13.14 15.10 -9.60
N SER A 313 12.60 14.15 -8.85
CA SER A 313 11.26 13.62 -9.10
C SER A 313 10.17 14.68 -8.99
N PHE A 314 10.27 15.54 -7.98
CA PHE A 314 9.24 16.54 -7.71
C PHE A 314 9.57 17.88 -8.35
N SER A 315 10.67 17.92 -9.11
CA SER A 315 11.16 19.15 -9.74
C SER A 315 11.39 20.25 -8.71
N LEU A 316 12.16 19.93 -7.68
CA LEU A 316 12.49 20.89 -6.64
C LEU A 316 13.97 21.28 -6.72
#